data_3GBV
#
_entry.id   3GBV
#
_cell.length_a   43.976
_cell.length_b   240.568
_cell.length_c   119.214
_cell.angle_alpha   90.00
_cell.angle_beta   90.00
_cell.angle_gamma   90.00
#
_symmetry.space_group_name_H-M   'C 2 2 21'
#
loop_
_entity.id
_entity.type
_entity.pdbx_description
1 polymer 'Putative LacI-family transcriptional regulator'
2 non-polymer 1,2-ETHANEDIOL
3 non-polymer 'SODIUM ION'
4 water water
#
_entity_poly.entity_id   1
_entity_poly.type   'polypeptide(L)'
_entity_poly.pdbx_seq_one_letter_code
;(MSE)SLASNKKYTFACLLPKHLEGEYWTDVQKGIREAVTTYSDFNISANITHYDPYDYNSFVATSQAVIEEQPDGV
(MSE)FAPTVPQYTKGFTDALNELGIPYIYIDSQIKDAPPLAFFGQNSHQSGYFAAR(MSE)L(MSE)LLAVNDREIVIF
RKIHEGVIGSNQQESREIGFRQY(MSE)QEHHPACNILELNLHADLNIEDSR(MSE)LDDFFREHPDVKHGITFNSKVYI
IGEYLQQRRKSDFSLIGYDLLERNVTCLKEGTVSFLIAQQPELQGFNSIKTLCDHLIFRKEVACTNY(MSE)PIDLLTKE
NIDYYHSEGHHHHHH
;
_entity_poly.pdbx_strand_id   A,B
#
loop_
_chem_comp.id
_chem_comp.type
_chem_comp.name
_chem_comp.formula
EDO non-polymer 1,2-ETHANEDIOL 'C2 H6 O2'
NA non-polymer 'SODIUM ION' 'Na 1'
#
# COMPACT_ATOMS: atom_id res chain seq x y z
N LYS A 7 11.29 -10.25 -38.67
CA LYS A 7 10.16 -9.40 -38.20
C LYS A 7 10.23 -9.23 -36.68
N LYS A 8 9.14 -8.75 -36.07
CA LYS A 8 9.11 -8.55 -34.63
C LYS A 8 7.69 -8.40 -34.10
N TYR A 9 7.57 -8.35 -32.77
CA TYR A 9 6.28 -8.18 -32.13
C TYR A 9 6.15 -6.69 -31.81
N THR A 10 5.03 -6.10 -32.20
CA THR A 10 4.80 -4.68 -31.97
C THR A 10 3.51 -4.43 -31.19
N PHE A 11 3.64 -3.81 -30.03
CA PHE A 11 2.49 -3.50 -29.19
C PHE A 11 2.28 -2.01 -29.20
N ALA A 12 1.15 -1.56 -29.75
CA ALA A 12 0.85 -0.14 -29.80
C ALA A 12 0.20 0.31 -28.49
N CYS A 13 0.79 1.29 -27.84
CA CYS A 13 0.24 1.80 -26.57
C CYS A 13 -0.30 3.21 -26.79
N LEU A 14 -1.62 3.35 -26.74
CA LEU A 14 -2.25 4.65 -26.96
C LEU A 14 -2.62 5.30 -25.63
N LEU A 15 -1.93 6.38 -25.29
CA LEU A 15 -2.16 7.10 -24.05
C LEU A 15 -2.41 8.58 -24.31
N PRO A 16 -3.08 9.27 -23.37
CA PRO A 16 -3.38 10.70 -23.52
C PRO A 16 -2.10 11.53 -23.51
N LYS A 17 -2.03 12.54 -24.39
CA LYS A 17 -0.86 13.41 -24.42
C LYS A 17 -0.73 13.98 -23.01
N HIS A 18 0.51 14.23 -22.58
CA HIS A 18 0.75 14.75 -21.25
C HIS A 18 2.17 15.32 -21.15
N LEU A 19 2.47 15.94 -20.01
CA LEU A 19 3.81 16.50 -19.76
C LEU A 19 4.55 15.54 -18.85
N GLU A 20 5.87 15.45 -19.01
CA GLU A 20 6.68 14.57 -18.18
C GLU A 20 6.43 14.87 -16.71
N GLY A 21 6.17 13.84 -15.92
CA GLY A 21 5.89 14.03 -14.51
C GLY A 21 4.42 13.87 -14.19
N GLU A 22 3.57 13.84 -15.22
CA GLU A 22 2.15 13.67 -14.99
C GLU A 22 1.90 12.17 -14.79
N TYR A 23 0.65 11.81 -14.52
CA TYR A 23 0.32 10.42 -14.27
C TYR A 23 0.89 9.36 -15.21
N TRP A 24 0.75 9.58 -16.51
CA TRP A 24 1.18 8.60 -17.49
C TRP A 24 2.67 8.31 -17.60
N THR A 25 3.49 9.22 -17.09
CA THR A 25 4.94 9.00 -17.14
C THR A 25 5.31 7.68 -16.43
N ASP A 26 4.62 7.37 -15.35
CA ASP A 26 4.90 6.13 -14.61
C ASP A 26 4.43 4.89 -15.37
N VAL A 27 3.24 4.98 -15.98
CA VAL A 27 2.71 3.87 -16.75
C VAL A 27 3.69 3.58 -17.89
N GLN A 28 4.25 4.64 -18.46
CA GLN A 28 5.20 4.47 -19.55
C GLN A 28 6.49 3.81 -19.10
N LYS A 29 6.96 4.17 -17.89
CA LYS A 29 8.16 3.54 -17.36
C LYS A 29 7.85 2.06 -17.26
N GLY A 30 6.66 1.75 -16.75
CA GLY A 30 6.24 0.37 -16.62
C GLY A 30 6.38 -0.37 -17.93
N ILE A 31 5.83 0.21 -18.99
CA ILE A 31 5.89 -0.38 -20.32
C ILE A 31 7.34 -0.62 -20.73
N ARG A 32 8.18 0.38 -20.51
CA ARG A 32 9.59 0.26 -20.87
C ARG A 32 10.27 -0.89 -20.13
N GLU A 33 10.05 -0.95 -18.81
CA GLU A 33 10.63 -2.01 -18.01
C GLU A 33 10.20 -3.36 -18.56
N ALA A 34 8.95 -3.44 -19.02
CA ALA A 34 8.43 -4.69 -19.59
C ALA A 34 9.08 -5.05 -20.92
N VAL A 35 9.33 -4.03 -21.75
CA VAL A 35 9.97 -4.27 -23.03
C VAL A 35 11.36 -4.88 -22.81
N THR A 36 12.16 -4.28 -21.93
CA THR A 36 13.49 -4.80 -21.69
C THR A 36 13.45 -6.20 -21.09
N THR A 37 12.55 -6.41 -20.13
CA THR A 37 12.44 -7.73 -19.50
C THR A 37 12.20 -8.83 -20.53
N TYR A 38 11.38 -8.55 -21.53
CA TYR A 38 11.06 -9.54 -22.55
C TYR A 38 11.80 -9.31 -23.86
N SER A 39 12.93 -8.62 -23.80
CA SER A 39 13.73 -8.35 -24.99
C SER A 39 14.05 -9.66 -25.73
N ASP A 40 14.17 -10.74 -24.98
CA ASP A 40 14.45 -12.06 -25.53
C ASP A 40 13.53 -12.40 -26.68
N PHE A 41 12.24 -12.08 -26.53
CA PHE A 41 11.24 -12.37 -27.53
C PHE A 41 11.13 -11.24 -28.54
N ASN A 42 12.09 -10.33 -28.47
CA ASN A 42 12.15 -9.19 -29.37
C ASN A 42 10.79 -8.55 -29.61
N ILE A 43 10.37 -7.72 -28.66
CA ILE A 43 9.10 -7.02 -28.73
C ILE A 43 9.39 -5.52 -28.67
N SER A 44 8.51 -4.71 -29.25
CA SER A 44 8.68 -3.27 -29.22
C SER A 44 7.35 -2.59 -28.92
N ALA A 45 7.39 -1.66 -27.98
CA ALA A 45 6.20 -0.93 -27.59
C ALA A 45 6.22 0.41 -28.31
N ASN A 46 5.24 0.61 -29.17
CA ASN A 46 5.14 1.87 -29.90
C ASN A 46 4.12 2.78 -29.22
N ILE A 47 4.65 3.73 -28.45
CA ILE A 47 3.81 4.66 -27.72
C ILE A 47 3.42 5.85 -28.58
N THR A 48 2.12 6.12 -28.68
CA THR A 48 1.65 7.28 -29.42
C THR A 48 0.69 7.97 -28.50
N HIS A 49 0.73 9.29 -28.50
CA HIS A 49 -0.14 10.08 -27.65
C HIS A 49 -1.27 10.65 -28.50
N TYR A 50 -2.41 10.85 -27.87
CA TYR A 50 -3.57 11.35 -28.58
C TYR A 50 -4.24 12.51 -27.89
N ASP A 51 -4.94 13.33 -28.67
CA ASP A 51 -5.68 14.45 -28.11
C ASP A 51 -6.96 13.79 -27.64
N PRO A 52 -7.23 13.84 -26.34
CA PRO A 52 -8.45 13.20 -25.80
C PRO A 52 -9.76 13.93 -26.06
N TYR A 53 -9.70 15.20 -26.40
CA TYR A 53 -10.93 15.95 -26.59
C TYR A 53 -11.21 16.43 -28.00
N ASP A 54 -10.34 16.05 -28.92
CA ASP A 54 -10.49 16.41 -30.32
C ASP A 54 -10.82 15.13 -31.08
N TYR A 55 -12.11 14.88 -31.30
CA TYR A 55 -12.57 13.68 -31.99
C TYR A 55 -11.83 13.42 -33.28
N ASN A 56 -11.87 14.40 -34.19
CA ASN A 56 -11.22 14.26 -35.48
C ASN A 56 -9.74 13.93 -35.31
N SER A 57 -9.11 14.51 -34.30
CA SER A 57 -7.69 14.26 -34.05
C SER A 57 -7.50 12.83 -33.55
N PHE A 58 -8.28 12.45 -32.55
CA PHE A 58 -8.20 11.10 -31.98
C PHE A 58 -8.40 10.04 -33.06
N VAL A 59 -9.36 10.27 -33.95
CA VAL A 59 -9.64 9.34 -35.02
C VAL A 59 -8.41 9.19 -35.93
N ALA A 60 -7.84 10.33 -36.31
CA ALA A 60 -6.66 10.34 -37.16
C ALA A 60 -5.51 9.54 -36.56
N THR A 61 -5.24 9.75 -35.27
CA THR A 61 -4.16 9.01 -34.63
C THR A 61 -4.49 7.54 -34.43
N SER A 62 -5.74 7.26 -34.04
CA SER A 62 -6.18 5.88 -33.83
C SER A 62 -6.11 5.12 -35.13
N GLN A 63 -6.51 5.78 -36.21
CA GLN A 63 -6.48 5.19 -37.54
C GLN A 63 -5.01 4.90 -37.91
N ALA A 64 -4.12 5.82 -37.55
CA ALA A 64 -2.71 5.65 -37.83
C ALA A 64 -2.23 4.39 -37.09
N VAL A 65 -2.70 4.21 -35.87
CA VAL A 65 -2.32 3.04 -35.07
C VAL A 65 -2.81 1.78 -35.74
N ILE A 66 -4.07 1.77 -36.13
CA ILE A 66 -4.66 0.61 -36.80
C ILE A 66 -3.88 0.33 -38.09
N GLU A 67 -3.51 1.39 -38.79
CA GLU A 67 -2.79 1.25 -40.04
C GLU A 67 -1.33 0.83 -39.87
N GLU A 68 -0.87 0.72 -38.64
CA GLU A 68 0.49 0.28 -38.37
C GLU A 68 0.49 -1.23 -38.25
N GLN A 69 -0.70 -1.83 -38.26
CA GLN A 69 -0.87 -3.28 -38.17
C GLN A 69 -0.16 -3.88 -36.94
N PRO A 70 -0.50 -3.40 -35.74
CA PRO A 70 0.14 -3.94 -34.54
C PRO A 70 -0.40 -5.30 -34.12
N ASP A 71 0.42 -6.07 -33.42
CA ASP A 71 0.06 -7.40 -32.90
C ASP A 71 -0.89 -7.25 -31.74
N GLY A 72 -0.62 -6.25 -30.91
CA GLY A 72 -1.46 -6.00 -29.76
C GLY A 72 -1.55 -4.53 -29.43
N VAL A 73 -2.55 -4.18 -28.65
CA VAL A 73 -2.77 -2.80 -28.26
C VAL A 73 -3.18 -2.68 -26.79
N MSE A 74 -2.62 -1.70 -26.09
CA MSE A 74 -3.02 -1.41 -24.72
C MSE A 74 -3.51 0.01 -24.92
O MSE A 74 -2.92 0.77 -25.71
CB MSE A 74 -1.83 -1.50 -23.75
CG MSE A 74 -0.70 -0.51 -23.99
SE MSE A 74 -0.81 1.02 -22.75
CE MSE A 74 -1.70 2.39 -23.87
N PHE A 75 -4.61 0.38 -24.27
CA PHE A 75 -5.17 1.70 -24.49
C PHE A 75 -5.86 2.27 -23.26
N ALA A 76 -5.55 3.52 -22.95
CA ALA A 76 -6.14 4.21 -21.81
C ALA A 76 -7.20 5.15 -22.35
N PRO A 77 -8.49 4.81 -22.15
CA PRO A 77 -9.62 5.61 -22.63
C PRO A 77 -9.88 6.88 -21.79
N THR A 78 -10.26 7.96 -22.45
CA THR A 78 -10.57 9.20 -21.75
C THR A 78 -12.04 9.48 -22.05
N VAL A 79 -12.35 9.86 -23.29
CA VAL A 79 -13.72 10.12 -23.72
C VAL A 79 -14.16 8.86 -24.47
N PRO A 80 -14.88 7.96 -23.79
CA PRO A 80 -15.33 6.74 -24.46
C PRO A 80 -16.18 6.89 -25.72
N GLN A 81 -16.99 7.95 -25.79
CA GLN A 81 -17.84 8.14 -26.96
C GLN A 81 -17.12 8.43 -28.27
N TYR A 82 -15.79 8.51 -28.22
CA TYR A 82 -15.02 8.75 -29.42
C TYR A 82 -14.33 7.45 -29.84
N THR A 83 -14.55 6.37 -29.10
CA THR A 83 -13.85 5.11 -29.34
C THR A 83 -14.50 3.93 -30.08
N LYS A 84 -15.82 3.88 -30.16
CA LYS A 84 -16.47 2.75 -30.83
C LYS A 84 -15.81 2.38 -32.16
N GLY A 85 -15.49 3.37 -32.97
CA GLY A 85 -14.86 3.10 -34.24
C GLY A 85 -13.53 2.38 -34.08
N PHE A 86 -12.75 2.81 -33.10
CA PHE A 86 -11.44 2.23 -32.85
C PHE A 86 -11.53 0.76 -32.44
N THR A 87 -12.28 0.49 -31.38
CA THR A 87 -12.45 -0.87 -30.88
C THR A 87 -13.14 -1.80 -31.87
N ASP A 88 -14.10 -1.29 -32.65
CA ASP A 88 -14.76 -2.15 -33.65
C ASP A 88 -13.73 -2.57 -34.70
N ALA A 89 -12.87 -1.62 -35.06
CA ALA A 89 -11.84 -1.88 -36.06
C ALA A 89 -10.80 -2.87 -35.53
N LEU A 90 -10.48 -2.81 -34.24
CA LEU A 90 -9.52 -3.74 -33.67
C LEU A 90 -10.11 -5.15 -33.64
N ASN A 91 -11.37 -5.26 -33.21
CA ASN A 91 -12.01 -6.58 -33.17
C ASN A 91 -12.09 -7.13 -34.58
N GLU A 92 -12.55 -6.30 -35.50
CA GLU A 92 -12.69 -6.71 -36.88
C GLU A 92 -11.37 -7.24 -37.46
N LEU A 93 -10.26 -6.64 -37.04
CA LEU A 93 -8.95 -7.06 -37.52
C LEU A 93 -8.35 -8.18 -36.68
N GLY A 94 -9.03 -8.56 -35.61
CA GLY A 94 -8.52 -9.61 -34.75
C GLY A 94 -7.32 -9.16 -33.94
N ILE A 95 -7.23 -7.85 -33.68
CA ILE A 95 -6.12 -7.30 -32.90
C ILE A 95 -6.56 -7.16 -31.44
N PRO A 96 -6.05 -8.02 -30.56
CA PRO A 96 -6.41 -7.96 -29.14
C PRO A 96 -5.99 -6.64 -28.50
N TYR A 97 -6.84 -6.11 -27.62
CA TYR A 97 -6.51 -4.86 -26.94
C TYR A 97 -6.79 -4.90 -25.44
N ILE A 98 -5.99 -4.14 -24.72
CA ILE A 98 -6.09 -4.07 -23.27
C ILE A 98 -6.46 -2.67 -22.78
N TYR A 99 -7.42 -2.60 -21.87
CA TYR A 99 -7.80 -1.32 -21.29
C TYR A 99 -7.05 -1.12 -19.99
N ILE A 100 -6.64 0.13 -19.75
CA ILE A 100 -5.96 0.48 -18.53
C ILE A 100 -6.69 1.69 -17.99
N ASP A 101 -6.76 1.78 -16.67
CA ASP A 101 -7.40 2.88 -15.98
C ASP A 101 -8.93 2.87 -16.02
N SER A 102 -9.51 3.02 -17.21
CA SER A 102 -10.96 3.02 -17.36
C SER A 102 -11.42 1.86 -18.23
N GLN A 103 -12.61 1.33 -17.91
CA GLN A 103 -13.19 0.25 -18.70
C GLN A 103 -14.24 0.91 -19.60
N ILE A 104 -14.62 0.21 -20.66
CA ILE A 104 -15.64 0.69 -21.59
C ILE A 104 -16.55 -0.53 -21.72
N LYS A 105 -17.51 -0.61 -20.80
CA LYS A 105 -18.46 -1.71 -20.71
C LYS A 105 -19.06 -2.26 -22.01
N ASP A 106 -19.51 -1.38 -22.90
CA ASP A 106 -20.11 -1.84 -24.14
C ASP A 106 -19.08 -2.35 -25.15
N ALA A 107 -17.80 -2.36 -24.75
CA ALA A 107 -16.74 -2.85 -25.63
C ALA A 107 -15.65 -3.57 -24.85
N PRO A 108 -15.97 -4.74 -24.27
CA PRO A 108 -15.01 -5.53 -23.49
C PRO A 108 -13.69 -5.80 -24.20
N PRO A 109 -12.57 -5.64 -23.48
CA PRO A 109 -11.22 -5.87 -24.01
C PRO A 109 -10.78 -7.28 -23.68
N LEU A 110 -9.51 -7.56 -23.97
CA LEU A 110 -8.93 -8.86 -23.68
C LEU A 110 -8.66 -8.87 -22.19
N ALA A 111 -8.22 -7.72 -21.68
CA ALA A 111 -7.91 -7.56 -20.26
C ALA A 111 -7.94 -6.10 -19.81
N PHE A 112 -8.17 -5.89 -18.52
CA PHE A 112 -8.25 -4.56 -17.93
C PHE A 112 -7.38 -4.47 -16.68
N PHE A 113 -6.69 -3.35 -16.55
CA PHE A 113 -5.83 -3.09 -15.41
C PHE A 113 -6.19 -1.70 -14.92
N GLY A 114 -6.65 -1.64 -13.68
CA GLY A 114 -7.04 -0.38 -13.08
C GLY A 114 -7.76 -0.67 -11.78
N GLN A 115 -8.17 0.39 -11.08
CA GLN A 115 -8.87 0.21 -9.83
C GLN A 115 -10.34 -0.09 -10.07
N ASN A 116 -10.95 -0.67 -9.06
CA ASN A 116 -12.37 -0.90 -9.08
C ASN A 116 -12.83 0.51 -8.66
N SER A 117 -13.15 1.33 -9.66
CA SER A 117 -13.55 2.71 -9.45
C SER A 117 -14.62 2.92 -8.39
N HIS A 118 -15.63 2.06 -8.39
CA HIS A 118 -16.71 2.18 -7.42
C HIS A 118 -16.18 2.03 -5.99
N GLN A 119 -15.41 0.97 -5.76
CA GLN A 119 -14.84 0.70 -4.45
C GLN A 119 -13.80 1.74 -4.04
N SER A 120 -13.06 2.25 -5.02
CA SER A 120 -12.02 3.25 -4.76
C SER A 120 -12.66 4.52 -4.21
N GLY A 121 -13.82 4.87 -4.76
CA GLY A 121 -14.51 6.06 -4.31
C GLY A 121 -15.17 5.87 -2.96
N TYR A 122 -15.71 4.67 -2.74
CA TYR A 122 -16.36 4.32 -1.48
C TYR A 122 -15.31 4.44 -0.37
N PHE A 123 -14.12 3.92 -0.64
CA PHE A 123 -13.00 3.97 0.30
C PHE A 123 -12.57 5.41 0.55
N ALA A 124 -12.53 6.20 -0.52
CA ALA A 124 -12.13 7.60 -0.44
C ALA A 124 -13.08 8.36 0.47
N ALA A 125 -14.36 8.01 0.40
CA ALA A 125 -15.37 8.64 1.23
C ALA A 125 -15.12 8.34 2.70
N ARG A 126 -14.82 7.07 3.00
CA ARG A 126 -14.53 6.65 4.37
C ARG A 126 -13.38 7.48 4.93
N MSE A 127 -12.30 7.57 4.17
CA MSE A 127 -11.12 8.31 4.62
C MSE A 127 -11.38 9.81 4.79
O MSE A 127 -10.84 10.43 5.71
CB MSE A 127 -9.94 8.12 3.66
CG MSE A 127 -9.47 6.67 3.48
SE MSE A 127 -9.06 5.88 5.22
CE MSE A 127 -7.52 6.98 5.85
N LEU A 128 -12.18 10.38 3.90
CA LEU A 128 -12.48 11.81 3.99
C LEU A 128 -13.30 12.11 5.25
N MSE A 129 -14.23 11.23 5.56
CA MSE A 129 -15.10 11.40 6.72
C MSE A 129 -14.39 11.20 8.05
O MSE A 129 -14.90 11.62 9.09
CB MSE A 129 -16.31 10.47 6.62
CG MSE A 129 -17.22 10.86 5.49
SE MSE A 129 -17.78 12.75 5.77
CE MSE A 129 -16.77 13.77 4.51
N LEU A 130 -13.23 10.55 8.02
CA LEU A 130 -12.42 10.33 9.22
C LEU A 130 -11.80 11.70 9.52
N LEU A 131 -11.60 12.45 8.45
CA LEU A 131 -11.01 13.78 8.46
C LEU A 131 -12.06 14.86 8.77
N ALA A 132 -13.23 14.73 8.15
CA ALA A 132 -14.30 15.72 8.31
C ALA A 132 -15.44 15.27 9.22
N VAL A 133 -15.11 14.47 10.22
CA VAL A 133 -16.09 13.95 11.16
C VAL A 133 -17.32 14.83 11.35
N ASN A 134 -17.14 15.98 12.00
CA ASN A 134 -18.24 16.89 12.24
C ASN A 134 -18.24 18.10 11.32
N ASP A 135 -18.39 17.84 10.02
CA ASP A 135 -18.41 18.87 9.00
C ASP A 135 -19.77 18.89 8.31
N ARG A 136 -20.36 20.07 8.18
CA ARG A 136 -21.67 20.19 7.55
C ARG A 136 -21.57 20.02 6.03
N GLU A 137 -20.43 20.36 5.46
CA GLU A 137 -20.25 20.25 4.02
C GLU A 137 -18.85 19.84 3.65
N ILE A 138 -18.71 19.31 2.44
CA ILE A 138 -17.43 18.92 1.89
C ILE A 138 -17.55 19.24 0.41
N VAL A 139 -16.43 19.27 -0.30
CA VAL A 139 -16.52 19.59 -1.71
C VAL A 139 -15.68 18.68 -2.59
N ILE A 140 -16.23 18.38 -3.75
CA ILE A 140 -15.55 17.57 -4.74
C ILE A 140 -14.95 18.54 -5.75
N PHE A 141 -13.67 18.39 -6.05
CA PHE A 141 -13.00 19.26 -7.01
C PHE A 141 -12.84 18.50 -8.33
N ARG A 142 -13.22 19.15 -9.42
CA ARG A 142 -13.10 18.55 -10.74
C ARG A 142 -12.43 19.53 -11.68
N LYS A 143 -12.00 19.01 -12.82
CA LYS A 143 -11.42 19.83 -13.85
C LYS A 143 -11.85 19.26 -15.19
N ILE A 144 -12.80 19.96 -15.81
CA ILE A 144 -13.38 19.53 -17.07
C ILE A 144 -12.87 20.23 -18.32
N HIS A 145 -12.97 19.52 -19.44
CA HIS A 145 -12.57 20.02 -20.74
C HIS A 145 -13.82 19.91 -21.61
N GLU A 146 -14.12 20.94 -22.39
CA GLU A 146 -15.28 20.93 -23.27
C GLU A 146 -16.53 20.48 -22.53
N GLY A 147 -16.51 20.61 -21.20
CA GLY A 147 -17.66 20.21 -20.40
C GLY A 147 -17.54 18.80 -19.84
N VAL A 148 -17.03 17.87 -20.63
CA VAL A 148 -16.89 16.47 -20.21
C VAL A 148 -16.01 16.30 -18.98
N ILE A 149 -16.27 15.24 -18.21
CA ILE A 149 -15.47 14.94 -17.02
C ILE A 149 -14.47 13.85 -17.43
N GLY A 150 -14.40 13.66 -18.76
CA GLY A 150 -13.52 12.70 -19.41
C GLY A 150 -12.75 11.60 -18.69
N SER A 151 -13.47 10.63 -18.12
CA SER A 151 -12.87 9.49 -17.44
C SER A 151 -13.92 8.67 -16.71
N ASN A 152 -14.16 7.45 -17.18
CA ASN A 152 -15.13 6.60 -16.54
C ASN A 152 -14.67 6.23 -15.12
N GLN A 153 -13.38 5.99 -14.96
CA GLN A 153 -12.83 5.68 -13.64
C GLN A 153 -13.20 6.81 -12.69
N GLN A 154 -12.99 8.05 -13.12
CA GLN A 154 -13.30 9.24 -12.30
C GLN A 154 -14.77 9.36 -11.95
N GLU A 155 -15.63 9.25 -12.97
CA GLU A 155 -17.08 9.35 -12.79
C GLU A 155 -17.57 8.27 -11.83
N SER A 156 -17.14 7.04 -12.09
CA SER A 156 -17.53 5.91 -11.28
C SER A 156 -17.07 6.06 -9.83
N ARG A 157 -15.85 6.56 -9.64
CA ARG A 157 -15.30 6.76 -8.30
C ARG A 157 -16.25 7.67 -7.53
N GLU A 158 -16.75 8.67 -8.24
CA GLU A 158 -17.66 9.64 -7.65
C GLU A 158 -18.97 8.99 -7.20
N ILE A 159 -19.44 8.03 -7.98
CA ILE A 159 -20.66 7.31 -7.65
C ILE A 159 -20.50 6.49 -6.36
N GLY A 160 -19.34 5.87 -6.20
CA GLY A 160 -19.10 5.07 -5.01
C GLY A 160 -18.95 5.98 -3.81
N PHE A 161 -18.40 7.16 -4.06
CA PHE A 161 -18.20 8.16 -3.03
C PHE A 161 -19.56 8.61 -2.49
N ARG A 162 -20.47 8.98 -3.39
CA ARG A 162 -21.78 9.44 -3.00
C ARG A 162 -22.58 8.33 -2.29
N GLN A 163 -22.35 7.08 -2.68
CA GLN A 163 -23.08 6.00 -2.04
C GLN A 163 -22.71 5.93 -0.56
N TYR A 164 -21.41 5.97 -0.28
CA TYR A 164 -20.93 5.92 1.09
C TYR A 164 -21.51 7.11 1.87
N MSE A 165 -21.46 8.29 1.26
CA MSE A 165 -21.97 9.49 1.91
C MSE A 165 -23.47 9.34 2.20
O MSE A 165 -23.97 9.83 3.22
CB MSE A 165 -21.75 10.71 1.03
CG MSE A 165 -20.30 11.00 0.70
SE MSE A 165 -19.40 11.56 2.37
CE MSE A 165 -20.14 13.37 2.65
N GLN A 166 -24.20 8.70 1.30
CA GLN A 166 -25.63 8.50 1.52
C GLN A 166 -25.85 7.53 2.69
N GLU A 167 -25.07 6.46 2.71
CA GLU A 167 -25.21 5.46 3.75
C GLU A 167 -24.71 5.89 5.13
N HIS A 168 -23.74 6.81 5.16
CA HIS A 168 -23.15 7.24 6.43
C HIS A 168 -23.36 8.68 6.89
N HIS A 169 -23.42 9.62 5.97
CA HIS A 169 -23.61 11.02 6.34
C HIS A 169 -24.57 11.66 5.37
N PRO A 170 -25.80 11.16 5.32
CA PRO A 170 -26.80 11.72 4.40
C PRO A 170 -27.05 13.20 4.63
N ALA A 171 -26.69 13.69 5.80
CA ALA A 171 -26.91 15.09 6.13
C ALA A 171 -25.82 16.02 5.62
N CYS A 172 -24.65 15.45 5.30
CA CYS A 172 -23.56 16.28 4.82
C CYS A 172 -23.83 16.76 3.40
N ASN A 173 -23.69 18.07 3.20
CA ASN A 173 -23.92 18.68 1.90
C ASN A 173 -22.69 18.46 1.04
N ILE A 174 -22.89 18.03 -0.20
CA ILE A 174 -21.78 17.78 -1.11
C ILE A 174 -21.69 18.86 -2.19
N LEU A 175 -20.76 19.78 -2.00
CA LEU A 175 -20.55 20.87 -2.94
C LEU A 175 -19.66 20.41 -4.09
N GLU A 176 -19.68 21.16 -5.19
CA GLU A 176 -18.90 20.82 -6.36
C GLU A 176 -18.27 22.08 -6.93
N LEU A 177 -17.02 21.97 -7.37
CA LEU A 177 -16.34 23.10 -7.98
C LEU A 177 -15.69 22.58 -9.24
N ASN A 178 -16.14 23.09 -10.38
CA ASN A 178 -15.59 22.67 -11.66
C ASN A 178 -14.62 23.68 -12.22
N LEU A 179 -13.38 23.25 -12.40
CA LEU A 179 -12.37 24.10 -13.00
C LEU A 179 -12.45 23.79 -14.49
N HIS A 180 -11.98 24.71 -15.33
CA HIS A 180 -12.04 24.46 -16.77
C HIS A 180 -10.68 24.48 -17.45
N ALA A 181 -10.41 23.46 -18.25
CA ALA A 181 -9.14 23.38 -18.97
C ALA A 181 -9.16 24.29 -20.22
N ASP A 182 -10.27 24.27 -20.96
CA ASP A 182 -10.42 25.11 -22.15
C ASP A 182 -10.86 26.42 -21.52
N LEU A 183 -9.86 27.05 -20.92
CA LEU A 183 -10.00 28.28 -20.17
C LEU A 183 -10.19 29.66 -20.77
N ASN A 184 -9.87 30.56 -19.86
CA ASN A 184 -9.85 32.01 -19.85
C ASN A 184 -10.56 32.40 -18.55
N ILE A 185 -10.88 31.35 -17.79
CA ILE A 185 -11.39 31.48 -16.43
C ILE A 185 -10.21 30.72 -15.83
N GLU A 186 -9.44 31.38 -14.98
CA GLU A 186 -8.28 30.71 -14.42
C GLU A 186 -8.59 29.95 -13.16
N ASP A 187 -7.93 28.81 -13.01
CA ASP A 187 -8.13 27.94 -11.85
C ASP A 187 -8.16 28.67 -10.53
N SER A 188 -7.16 29.52 -10.30
CA SER A 188 -7.11 30.25 -9.04
C SER A 188 -8.30 31.19 -8.84
N ARG A 189 -8.83 31.75 -9.93
CA ARG A 189 -9.98 32.64 -9.79
C ARG A 189 -11.23 31.83 -9.41
N MSE A 190 -11.35 30.62 -9.95
CA MSE A 190 -12.49 29.77 -9.59
C MSE A 190 -12.43 29.50 -8.08
O MSE A 190 -13.44 29.57 -7.39
CB MSE A 190 -12.42 28.42 -10.31
CG MSE A 190 -12.55 28.47 -11.85
SE MSE A 190 -14.43 28.73 -12.44
CE MSE A 190 -15.41 27.52 -11.23
N LEU A 191 -11.22 29.17 -7.59
CA LEU A 191 -11.04 28.88 -6.18
C LEU A 191 -11.36 30.08 -5.29
N ASP A 192 -10.89 31.27 -5.66
CA ASP A 192 -11.17 32.47 -4.86
C ASP A 192 -12.68 32.65 -4.66
N ASP A 193 -13.44 32.58 -5.74
CA ASP A 193 -14.88 32.74 -5.64
C ASP A 193 -15.49 31.66 -4.75
N PHE A 194 -15.07 30.41 -4.96
CA PHE A 194 -15.61 29.30 -4.17
C PHE A 194 -15.36 29.47 -2.68
N PHE A 195 -14.11 29.70 -2.31
CA PHE A 195 -13.78 29.84 -0.90
C PHE A 195 -14.37 31.12 -0.31
N ARG A 196 -14.70 32.07 -1.18
CA ARG A 196 -15.29 33.32 -0.77
C ARG A 196 -16.75 33.06 -0.42
N GLU A 197 -17.44 32.40 -1.34
CA GLU A 197 -18.84 32.07 -1.16
C GLU A 197 -19.03 30.92 -0.17
N HIS A 198 -17.96 30.16 0.06
CA HIS A 198 -18.02 29.03 0.98
C HIS A 198 -16.85 29.06 1.94
N PRO A 199 -16.77 30.13 2.77
CA PRO A 199 -15.68 30.29 3.75
C PRO A 199 -15.59 29.20 4.80
N ASP A 200 -16.71 28.53 5.05
CA ASP A 200 -16.78 27.48 6.06
C ASP A 200 -16.28 26.09 5.65
N VAL A 201 -16.40 25.72 4.38
CA VAL A 201 -15.95 24.41 3.93
C VAL A 201 -14.49 24.18 4.33
N LYS A 202 -14.22 23.05 4.99
CA LYS A 202 -12.87 22.74 5.46
C LYS A 202 -12.21 21.49 4.87
N HIS A 203 -13.02 20.62 4.25
CA HIS A 203 -12.48 19.40 3.66
C HIS A 203 -12.94 19.17 2.23
N GLY A 204 -12.04 18.65 1.40
CA GLY A 204 -12.38 18.40 0.00
C GLY A 204 -11.70 17.18 -0.59
N ILE A 205 -12.05 16.87 -1.83
CA ILE A 205 -11.50 15.71 -2.50
C ILE A 205 -11.62 15.85 -4.02
N THR A 206 -10.68 15.25 -4.75
CA THR A 206 -10.70 15.25 -6.20
C THR A 206 -10.45 13.82 -6.67
N PHE A 207 -10.99 13.45 -7.82
CA PHE A 207 -10.82 12.09 -8.33
C PHE A 207 -9.90 12.01 -9.53
N ASN A 208 -9.39 13.16 -9.97
CA ASN A 208 -8.45 13.14 -11.07
C ASN A 208 -7.11 13.12 -10.36
N SER A 209 -6.01 13.13 -11.09
CA SER A 209 -4.70 13.05 -10.43
C SER A 209 -3.94 14.35 -10.28
N LYS A 210 -4.64 15.47 -10.48
CA LYS A 210 -4.03 16.80 -10.40
C LYS A 210 -4.46 17.54 -9.14
N VAL A 211 -4.48 16.84 -8.00
CA VAL A 211 -4.87 17.46 -6.75
C VAL A 211 -3.92 18.60 -6.36
N TYR A 212 -2.70 18.58 -6.89
CA TYR A 212 -1.71 19.60 -6.60
C TYR A 212 -2.18 21.00 -6.99
N ILE A 213 -3.10 21.07 -7.96
CA ILE A 213 -3.63 22.36 -8.40
C ILE A 213 -4.31 23.03 -7.21
N ILE A 214 -5.06 22.25 -6.46
CA ILE A 214 -5.78 22.76 -5.29
C ILE A 214 -4.79 22.90 -4.14
N GLY A 215 -3.88 21.94 -4.04
CA GLY A 215 -2.90 21.99 -2.97
C GLY A 215 -1.96 23.17 -3.05
N GLU A 216 -1.44 23.43 -4.25
CA GLU A 216 -0.52 24.54 -4.45
C GLU A 216 -1.27 25.85 -4.32
N TYR A 217 -2.56 25.84 -4.62
CA TYR A 217 -3.36 27.06 -4.48
C TYR A 217 -3.39 27.44 -2.99
N LEU A 218 -3.66 26.44 -2.15
CA LEU A 218 -3.73 26.64 -0.70
C LEU A 218 -2.36 27.04 -0.12
N GLN A 219 -1.30 26.55 -0.73
CA GLN A 219 0.06 26.83 -0.28
C GLN A 219 0.42 28.27 -0.58
N GLN A 220 0.12 28.72 -1.80
CA GLN A 220 0.43 30.08 -2.21
C GLN A 220 -0.47 31.10 -1.51
N ARG A 221 -1.57 30.64 -0.94
CA ARG A 221 -2.47 31.54 -0.23
C ARG A 221 -2.31 31.28 1.26
N ARG A 222 -1.29 30.50 1.61
CA ARG A 222 -1.02 30.16 3.00
C ARG A 222 -2.29 29.86 3.78
N LYS A 223 -3.24 29.22 3.11
CA LYS A 223 -4.50 28.83 3.74
C LYS A 223 -4.19 27.45 4.33
N SER A 224 -4.36 27.31 5.64
CA SER A 224 -4.08 26.05 6.32
C SER A 224 -5.31 25.47 7.02
N ASP A 225 -6.47 26.07 6.76
CA ASP A 225 -7.71 25.61 7.38
C ASP A 225 -8.53 24.79 6.39
N PHE A 226 -7.84 24.00 5.57
CA PHE A 226 -8.50 23.17 4.56
C PHE A 226 -7.54 22.05 4.16
N SER A 227 -8.04 20.82 4.08
CA SER A 227 -7.24 19.67 3.70
C SER A 227 -7.87 18.86 2.56
N LEU A 228 -7.03 18.42 1.63
CA LEU A 228 -7.49 17.63 0.49
C LEU A 228 -7.16 16.16 0.59
N ILE A 229 -7.88 15.39 -0.22
CA ILE A 229 -7.64 13.96 -0.38
C ILE A 229 -7.50 13.91 -1.89
N GLY A 230 -6.41 13.33 -2.36
CA GLY A 230 -6.20 13.26 -3.79
C GLY A 230 -5.77 11.89 -4.27
N TYR A 231 -5.50 11.80 -5.56
CA TYR A 231 -5.08 10.56 -6.17
C TYR A 231 -3.71 10.63 -6.84
N ASP A 232 -3.00 9.51 -6.78
CA ASP A 232 -1.72 9.35 -7.44
C ASP A 232 -0.51 10.09 -6.90
N LEU A 233 0.63 9.45 -7.04
CA LEU A 233 1.89 9.94 -6.55
C LEU A 233 2.69 10.84 -7.48
N LEU A 234 2.04 11.81 -8.12
CA LEU A 234 2.79 12.75 -8.95
C LEU A 234 3.70 13.49 -7.97
N GLU A 235 4.84 13.96 -8.44
CA GLU A 235 5.77 14.65 -7.56
C GLU A 235 5.14 15.88 -6.90
N ARG A 236 4.33 16.63 -7.64
CA ARG A 236 3.72 17.80 -7.06
C ARG A 236 2.66 17.41 -6.04
N ASN A 237 2.06 16.23 -6.23
CA ASN A 237 1.07 15.75 -5.28
C ASN A 237 1.75 15.40 -3.97
N VAL A 238 2.87 14.69 -4.09
CA VAL A 238 3.61 14.26 -2.90
C VAL A 238 4.14 15.46 -2.11
N THR A 239 4.60 16.49 -2.80
CA THR A 239 5.11 17.69 -2.14
C THR A 239 3.99 18.31 -1.31
N CYS A 240 2.79 18.38 -1.89
CA CYS A 240 1.64 18.94 -1.18
C CYS A 240 1.30 18.03 -0.02
N LEU A 241 1.56 16.74 -0.17
CA LEU A 241 1.29 15.76 0.86
C LEU A 241 2.24 16.03 2.03
N LYS A 242 3.50 16.28 1.69
CA LYS A 242 4.50 16.53 2.70
C LYS A 242 4.37 17.90 3.36
N GLU A 243 3.79 18.86 2.65
CA GLU A 243 3.61 20.21 3.18
C GLU A 243 2.33 20.37 3.98
N GLY A 244 1.40 19.42 3.84
CA GLY A 244 0.18 19.51 4.60
C GLY A 244 -1.10 19.96 3.91
N THR A 245 -1.02 20.44 2.67
CA THR A 245 -2.24 20.86 1.98
C THR A 245 -3.09 19.63 1.62
N VAL A 246 -2.40 18.51 1.36
CA VAL A 246 -3.07 17.25 1.04
C VAL A 246 -2.84 16.34 2.26
N SER A 247 -3.91 15.69 2.72
CA SER A 247 -3.85 14.80 3.89
C SER A 247 -3.61 13.35 3.51
N PHE A 248 -4.26 12.92 2.43
CA PHE A 248 -4.11 11.55 1.95
C PHE A 248 -4.02 11.56 0.44
N LEU A 249 -3.27 10.59 -0.08
CA LEU A 249 -3.15 10.39 -1.52
C LEU A 249 -3.46 8.90 -1.72
N ILE A 250 -4.25 8.59 -2.73
CA ILE A 250 -4.59 7.21 -3.03
C ILE A 250 -3.82 6.82 -4.27
N ALA A 251 -3.04 5.75 -4.17
CA ALA A 251 -2.24 5.29 -5.30
C ALA A 251 -2.82 4.03 -5.93
N GLN A 252 -2.42 3.76 -7.17
CA GLN A 252 -2.93 2.57 -7.87
C GLN A 252 -1.84 1.82 -8.62
N GLN A 253 -0.58 2.12 -8.31
CA GLN A 253 0.56 1.47 -8.95
C GLN A 253 0.52 1.54 -10.48
N PRO A 254 0.71 2.74 -11.05
CA PRO A 254 0.70 2.92 -12.51
C PRO A 254 1.83 2.15 -13.18
N GLU A 255 3.00 2.10 -12.53
CA GLU A 255 4.14 1.37 -13.11
C GLU A 255 3.74 -0.07 -13.43
N LEU A 256 3.15 -0.75 -12.44
CA LEU A 256 2.72 -2.14 -12.60
C LEU A 256 1.61 -2.30 -13.64
N GLN A 257 0.74 -1.30 -13.76
CA GLN A 257 -0.34 -1.41 -14.74
C GLN A 257 0.25 -1.43 -16.15
N GLY A 258 1.28 -0.63 -16.39
CA GLY A 258 1.88 -0.60 -17.71
C GLY A 258 2.66 -1.88 -17.95
N PHE A 259 3.43 -2.28 -16.95
CA PHE A 259 4.21 -3.49 -17.05
C PHE A 259 3.29 -4.67 -17.35
N ASN A 260 2.26 -4.84 -16.54
CA ASN A 260 1.30 -5.94 -16.73
C ASN A 260 0.58 -5.92 -18.09
N SER A 261 0.30 -4.74 -18.62
CA SER A 261 -0.38 -4.68 -19.91
C SER A 261 0.43 -5.40 -20.97
N ILE A 262 1.73 -5.08 -21.01
CA ILE A 262 2.65 -5.67 -21.98
C ILE A 262 2.86 -7.15 -21.69
N LYS A 263 3.01 -7.48 -20.41
CA LYS A 263 3.20 -8.88 -20.01
C LYS A 263 2.02 -9.71 -20.50
N THR A 264 0.80 -9.22 -20.27
CA THR A 264 -0.42 -9.90 -20.68
C THR A 264 -0.46 -10.11 -22.20
N LEU A 265 -0.02 -9.12 -22.95
CA LEU A 265 0.01 -9.23 -24.40
C LEU A 265 1.03 -10.27 -24.84
N CYS A 266 2.18 -10.29 -24.17
CA CYS A 266 3.23 -11.23 -24.49
C CYS A 266 2.78 -12.66 -24.29
N ASP A 267 2.33 -13.00 -23.09
CA ASP A 267 1.93 -14.37 -22.87
C ASP A 267 0.65 -14.80 -23.56
N HIS A 268 -0.08 -13.84 -24.13
CA HIS A 268 -1.29 -14.18 -24.86
C HIS A 268 -0.95 -14.45 -26.31
N LEU A 269 -0.17 -13.54 -26.90
CA LEU A 269 0.23 -13.64 -28.29
C LEU A 269 1.44 -14.55 -28.49
N ILE A 270 2.43 -14.41 -27.62
CA ILE A 270 3.66 -15.19 -27.71
C ILE A 270 3.59 -16.54 -26.98
N PHE A 271 3.31 -16.51 -25.69
CA PHE A 271 3.23 -17.74 -24.90
C PHE A 271 1.90 -18.49 -25.03
N ARG A 272 1.00 -17.98 -25.86
CA ARG A 272 -0.30 -18.62 -26.06
C ARG A 272 -0.91 -19.03 -24.71
N LYS A 273 -0.80 -18.14 -23.72
CA LYS A 273 -1.34 -18.41 -22.38
C LYS A 273 -2.75 -17.86 -22.19
N GLU A 274 -3.38 -18.30 -21.10
CA GLU A 274 -4.71 -17.86 -20.73
C GLU A 274 -4.48 -16.61 -19.87
N VAL A 275 -5.38 -15.63 -19.95
CA VAL A 275 -5.22 -14.41 -19.15
C VAL A 275 -6.56 -13.90 -18.60
N ALA A 276 -6.54 -13.41 -17.37
CA ALA A 276 -7.75 -12.88 -16.72
C ALA A 276 -8.14 -11.55 -17.35
N CYS A 277 -9.43 -11.33 -17.54
CA CYS A 277 -9.88 -10.08 -18.13
C CYS A 277 -9.81 -8.92 -17.15
N THR A 278 -10.33 -9.12 -15.94
CA THR A 278 -10.32 -8.05 -14.94
C THR A 278 -9.18 -8.17 -13.93
N ASN A 279 -8.37 -7.13 -13.87
CA ASN A 279 -7.24 -7.06 -12.95
C ASN A 279 -7.37 -5.76 -12.16
N TYR A 280 -8.09 -5.83 -11.05
CA TYR A 280 -8.31 -4.68 -10.22
C TYR A 280 -7.05 -4.40 -9.41
N MSE A 281 -6.51 -3.20 -9.58
CA MSE A 281 -5.30 -2.79 -8.87
C MSE A 281 -5.64 -2.40 -7.44
O MSE A 281 -6.79 -2.12 -7.12
CB MSE A 281 -4.67 -1.61 -9.61
CG MSE A 281 -4.35 -1.92 -11.07
SE MSE A 281 -3.09 -3.45 -11.10
CE MSE A 281 -1.41 -2.69 -10.43
N PRO A 282 -4.64 -2.36 -6.55
CA PRO A 282 -4.91 -1.99 -5.15
C PRO A 282 -5.29 -0.52 -4.94
N ILE A 283 -5.94 -0.27 -3.81
CA ILE A 283 -6.36 1.07 -3.42
C ILE A 283 -5.47 1.44 -2.22
N ASP A 284 -4.24 1.86 -2.53
CA ASP A 284 -3.26 2.21 -1.50
C ASP A 284 -3.42 3.58 -0.89
N LEU A 285 -3.40 3.63 0.44
CA LEU A 285 -3.50 4.88 1.15
C LEU A 285 -2.13 5.38 1.62
N LEU A 286 -1.79 6.60 1.23
CA LEU A 286 -0.51 7.14 1.63
C LEU A 286 -0.66 8.43 2.43
N THR A 287 0.22 8.60 3.41
CA THR A 287 0.21 9.79 4.25
C THR A 287 1.65 10.27 4.30
N LYS A 288 1.84 11.44 4.90
CA LYS A 288 3.18 12.00 5.03
C LYS A 288 4.09 11.03 5.77
N GLU A 289 3.53 10.33 6.75
CA GLU A 289 4.29 9.41 7.56
C GLU A 289 4.68 8.06 6.96
N ASN A 290 4.14 7.69 5.80
CA ASN A 290 4.52 6.41 5.21
C ASN A 290 4.90 6.51 3.74
N ILE A 291 4.73 7.70 3.17
CA ILE A 291 5.05 7.90 1.76
C ILE A 291 6.46 7.53 1.37
N ASP A 292 7.44 7.79 2.24
CA ASP A 292 8.84 7.47 1.89
C ASP A 292 9.19 5.98 1.90
N TYR A 293 8.31 5.16 2.45
CA TYR A 293 8.57 3.73 2.52
C TYR A 293 7.72 2.90 1.56
N TYR A 294 6.94 3.59 0.73
CA TYR A 294 6.09 2.96 -0.26
C TYR A 294 6.88 2.75 -1.56
N HIS A 295 6.67 1.62 -2.22
CA HIS A 295 7.39 1.37 -3.47
C HIS A 295 6.59 0.52 -4.47
N LYS B 7 26.37 -31.22 -3.65
CA LYS B 7 25.65 -30.91 -2.39
C LYS B 7 24.78 -29.67 -2.58
N LYS B 8 23.57 -29.70 -2.00
CA LYS B 8 22.63 -28.58 -2.09
C LYS B 8 23.09 -27.40 -1.24
N TYR B 9 22.51 -26.24 -1.51
CA TYR B 9 22.83 -25.07 -0.72
C TYR B 9 21.92 -25.19 0.50
N THR B 10 22.41 -24.76 1.65
CA THR B 10 21.59 -24.81 2.84
C THR B 10 21.47 -23.41 3.44
N PHE B 11 20.25 -22.93 3.58
CA PHE B 11 20.04 -21.61 4.17
C PHE B 11 19.31 -21.77 5.49
N ALA B 12 20.02 -21.50 6.57
CA ALA B 12 19.44 -21.61 7.89
C ALA B 12 18.54 -20.41 8.15
N CYS B 13 17.30 -20.68 8.52
CA CYS B 13 16.33 -19.64 8.80
C CYS B 13 15.93 -19.77 10.27
N LEU B 14 16.36 -18.83 11.11
CA LEU B 14 16.04 -18.87 12.53
C LEU B 14 14.93 -17.87 12.89
N LEU B 15 13.76 -18.40 13.21
CA LEU B 15 12.59 -17.59 13.51
C LEU B 15 11.91 -17.96 14.83
N PRO B 16 11.11 -17.04 15.38
CA PRO B 16 10.38 -17.24 16.64
C PRO B 16 9.42 -18.43 16.57
N LYS B 17 9.26 -19.12 17.70
CA LYS B 17 8.33 -20.24 17.79
C LYS B 17 6.94 -19.65 17.61
N HIS B 18 6.04 -20.40 17.02
CA HIS B 18 4.68 -19.92 16.83
C HIS B 18 3.75 -21.05 16.39
N LEU B 19 2.47 -20.74 16.28
CA LEU B 19 1.48 -21.71 15.85
C LEU B 19 1.13 -21.39 14.39
N GLU B 20 0.66 -22.40 13.68
CA GLU B 20 0.29 -22.22 12.28
C GLU B 20 -0.83 -21.19 12.18
N GLY B 21 -0.68 -20.24 11.26
CA GLY B 21 -1.70 -19.21 11.12
C GLY B 21 -1.33 -17.91 11.82
N GLU B 22 -0.26 -17.93 12.62
CA GLU B 22 0.18 -16.71 13.29
C GLU B 22 1.06 -15.94 12.31
N TYR B 23 1.55 -14.79 12.73
CA TYR B 23 2.36 -13.93 11.87
C TYR B 23 3.49 -14.60 11.10
N TRP B 24 4.26 -15.44 11.78
CA TRP B 24 5.41 -16.07 11.13
C TRP B 24 5.10 -17.10 10.05
N THR B 25 3.86 -17.54 10.00
CA THR B 25 3.46 -18.51 8.98
C THR B 25 3.67 -17.93 7.58
N ASP B 26 3.32 -16.65 7.40
CA ASP B 26 3.47 -16.01 6.09
C ASP B 26 4.94 -15.82 5.70
N VAL B 27 5.80 -15.52 6.67
CA VAL B 27 7.21 -15.34 6.35
C VAL B 27 7.74 -16.67 5.82
N GLN B 28 7.36 -17.77 6.48
CA GLN B 28 7.83 -19.08 6.06
C GLN B 28 7.32 -19.47 4.69
N LYS B 29 6.09 -19.07 4.36
CA LYS B 29 5.56 -19.39 3.04
C LYS B 29 6.36 -18.63 1.99
N GLY B 30 6.88 -17.46 2.36
CA GLY B 30 7.70 -16.68 1.44
C GLY B 30 9.02 -17.39 1.25
N ILE B 31 9.51 -18.01 2.33
CA ILE B 31 10.76 -18.74 2.27
C ILE B 31 10.59 -19.93 1.33
N ARG B 32 9.54 -20.72 1.55
CA ARG B 32 9.27 -21.88 0.72
C ARG B 32 9.00 -21.51 -0.75
N GLU B 33 8.37 -20.37 -0.98
CA GLU B 33 8.09 -19.93 -2.33
C GLU B 33 9.41 -19.61 -3.03
N ALA B 34 10.35 -19.05 -2.29
CA ALA B 34 11.67 -18.72 -2.82
C ALA B 34 12.44 -20.00 -3.13
N VAL B 35 12.29 -21.01 -2.29
CA VAL B 35 12.99 -22.28 -2.50
C VAL B 35 12.59 -22.91 -3.83
N THR B 36 11.28 -22.99 -4.08
CA THR B 36 10.81 -23.58 -5.31
C THR B 36 11.22 -22.71 -6.52
N THR B 37 11.08 -21.40 -6.38
CA THR B 37 11.45 -20.49 -7.47
C THR B 37 12.89 -20.72 -7.94
N TYR B 38 13.80 -20.96 -7.00
CA TYR B 38 15.22 -21.17 -7.32
C TYR B 38 15.59 -22.65 -7.33
N SER B 39 14.62 -23.51 -7.63
CA SER B 39 14.83 -24.95 -7.66
C SER B 39 15.98 -25.38 -8.58
N ASP B 40 16.23 -24.63 -9.65
CA ASP B 40 17.31 -24.98 -10.57
C ASP B 40 18.68 -24.93 -9.89
N PHE B 41 18.71 -24.36 -8.69
CA PHE B 41 19.97 -24.25 -7.97
C PHE B 41 20.03 -25.18 -6.78
N ASN B 42 18.97 -25.96 -6.62
CA ASN B 42 18.90 -26.94 -5.54
C ASN B 42 19.22 -26.32 -4.19
N ILE B 43 18.44 -25.32 -3.80
CA ILE B 43 18.67 -24.69 -2.51
C ILE B 43 17.74 -25.30 -1.48
N SER B 44 18.08 -25.17 -0.21
CA SER B 44 17.22 -25.73 0.83
C SER B 44 17.18 -24.82 2.05
N ALA B 45 15.97 -24.58 2.53
CA ALA B 45 15.78 -23.77 3.71
C ALA B 45 15.55 -24.69 4.89
N ASN B 46 16.39 -24.57 5.91
CA ASN B 46 16.23 -25.38 7.09
C ASN B 46 15.77 -24.43 8.17
N ILE B 47 14.49 -24.47 8.48
CA ILE B 47 13.91 -23.58 9.47
C ILE B 47 13.84 -24.13 10.89
N THR B 48 14.49 -23.45 11.82
CA THR B 48 14.43 -23.83 13.23
C THR B 48 13.83 -22.63 13.95
N HIS B 49 13.39 -22.82 15.19
CA HIS B 49 12.76 -21.74 15.94
C HIS B 49 13.31 -21.53 17.35
N TYR B 50 13.09 -20.35 17.89
CA TYR B 50 13.54 -20.03 19.23
C TYR B 50 12.41 -19.34 19.98
N ASP B 51 12.42 -19.47 21.31
CA ASP B 51 11.44 -18.86 22.18
C ASP B 51 11.85 -17.39 22.26
N PRO B 52 11.06 -16.48 21.66
CA PRO B 52 11.43 -15.05 21.70
C PRO B 52 11.41 -14.47 23.11
N TYR B 53 10.79 -15.18 24.03
CA TYR B 53 10.72 -14.72 25.42
C TYR B 53 11.85 -15.26 26.29
N ASP B 54 12.66 -16.16 25.73
CA ASP B 54 13.76 -16.77 26.47
C ASP B 54 15.05 -16.64 25.67
N TYR B 55 15.86 -15.65 26.03
CA TYR B 55 17.11 -15.37 25.34
C TYR B 55 18.08 -16.53 25.26
N ASN B 56 17.98 -17.47 26.20
CA ASN B 56 18.87 -18.63 26.17
C ASN B 56 18.45 -19.54 25.03
N SER B 57 17.16 -19.53 24.73
CA SER B 57 16.64 -20.34 23.65
C SER B 57 17.26 -19.84 22.34
N PHE B 58 17.42 -18.53 22.22
CA PHE B 58 18.01 -17.97 21.01
C PHE B 58 19.48 -18.35 20.93
N VAL B 59 20.17 -18.29 22.07
CA VAL B 59 21.59 -18.61 22.10
C VAL B 59 21.85 -20.08 21.74
N ALA B 60 21.08 -20.99 22.32
CA ALA B 60 21.26 -22.41 22.04
C ALA B 60 20.98 -22.77 20.58
N THR B 61 19.84 -22.34 20.05
CA THR B 61 19.49 -22.64 18.67
C THR B 61 20.42 -21.97 17.66
N SER B 62 20.86 -20.75 17.96
CA SER B 62 21.76 -20.05 17.04
C SER B 62 23.12 -20.74 17.01
N GLN B 63 23.51 -21.36 18.12
CA GLN B 63 24.79 -22.07 18.17
C GLN B 63 24.66 -23.33 17.30
N ALA B 64 23.48 -23.93 17.31
CA ALA B 64 23.23 -25.11 16.49
C ALA B 64 23.37 -24.71 15.02
N VAL B 65 22.77 -23.58 14.66
CA VAL B 65 22.84 -23.09 13.30
C VAL B 65 24.30 -22.96 12.87
N ILE B 66 25.09 -22.32 13.72
CA ILE B 66 26.51 -22.11 13.49
C ILE B 66 27.25 -23.41 13.19
N GLU B 67 26.93 -24.45 13.97
CA GLU B 67 27.58 -25.74 13.80
C GLU B 67 27.07 -26.52 12.60
N GLU B 68 25.93 -26.11 12.06
CA GLU B 68 25.39 -26.77 10.87
C GLU B 68 26.13 -26.24 9.64
N GLN B 69 26.87 -25.15 9.85
CA GLN B 69 27.63 -24.52 8.79
C GLN B 69 26.79 -24.31 7.53
N PRO B 70 25.71 -23.51 7.62
CA PRO B 70 24.88 -23.28 6.45
C PRO B 70 25.63 -22.37 5.48
N ASP B 71 25.18 -22.32 4.24
CA ASP B 71 25.81 -21.47 3.25
C ASP B 71 25.43 -20.04 3.56
N GLY B 72 24.23 -19.87 4.12
CA GLY B 72 23.75 -18.55 4.47
C GLY B 72 22.70 -18.64 5.56
N VAL B 73 22.44 -17.52 6.23
CA VAL B 73 21.47 -17.45 7.31
C VAL B 73 20.58 -16.20 7.22
N MSE B 74 19.30 -16.37 7.54
CA MSE B 74 18.35 -15.25 7.60
C MSE B 74 17.71 -15.54 8.95
O MSE B 74 17.49 -16.71 9.30
CB MSE B 74 17.28 -15.32 6.49
CG MSE B 74 16.36 -16.52 6.58
SE MSE B 74 14.71 -16.11 7.58
CE MSE B 74 14.84 -17.05 9.31
N PHE B 75 17.44 -14.50 9.74
CA PHE B 75 16.83 -14.71 11.05
C PHE B 75 16.30 -13.44 11.68
N ALA B 76 15.39 -13.62 12.63
CA ALA B 76 14.83 -12.50 13.37
C ALA B 76 15.71 -12.37 14.61
N PRO B 77 16.46 -11.26 14.71
CA PRO B 77 17.32 -11.09 15.88
C PRO B 77 16.52 -10.88 17.17
N THR B 78 17.13 -11.24 18.30
CA THR B 78 16.51 -11.04 19.62
C THR B 78 17.19 -9.76 20.10
N VAL B 79 17.23 -9.49 21.40
CA VAL B 79 17.89 -8.27 21.86
C VAL B 79 19.36 -8.33 21.46
N PRO B 80 20.01 -7.16 21.32
CA PRO B 80 21.41 -7.02 20.93
C PRO B 80 22.47 -7.89 21.62
N GLN B 81 22.59 -7.77 22.93
CA GLN B 81 23.63 -8.52 23.62
C GLN B 81 23.56 -10.05 23.54
N TYR B 82 22.39 -10.58 23.22
CA TYR B 82 22.27 -12.03 23.12
C TYR B 82 22.37 -12.49 21.67
N THR B 83 22.48 -11.52 20.77
CA THR B 83 22.59 -11.79 19.35
C THR B 83 24.05 -11.65 18.88
N LYS B 84 24.78 -10.81 19.60
CA LYS B 84 26.18 -10.51 19.29
C LYS B 84 27.08 -11.70 19.05
N GLY B 85 27.02 -12.69 19.93
CA GLY B 85 27.87 -13.86 19.79
C GLY B 85 27.64 -14.60 18.49
N PHE B 86 26.37 -14.68 18.10
CA PHE B 86 25.96 -15.36 16.88
C PHE B 86 26.54 -14.66 15.66
N THR B 87 26.26 -13.36 15.53
CA THR B 87 26.75 -12.59 14.40
C THR B 87 28.28 -12.55 14.36
N ASP B 88 28.93 -12.39 15.50
CA ASP B 88 30.39 -12.37 15.50
C ASP B 88 30.90 -13.68 14.90
N ALA B 89 30.33 -14.79 15.35
CA ALA B 89 30.73 -16.10 14.86
C ALA B 89 30.50 -16.26 13.35
N LEU B 90 29.35 -15.80 12.87
CA LEU B 90 29.05 -15.92 11.45
C LEU B 90 30.03 -15.06 10.65
N ASN B 91 30.32 -13.85 11.14
CA ASN B 91 31.27 -12.97 10.46
C ASN B 91 32.64 -13.61 10.42
N GLU B 92 32.99 -14.32 11.49
CA GLU B 92 34.29 -14.95 11.58
C GLU B 92 34.36 -16.17 10.67
N LEU B 93 33.22 -16.82 10.45
CA LEU B 93 33.19 -17.99 9.57
C LEU B 93 32.91 -17.61 8.12
N GLY B 94 32.72 -16.32 7.86
CA GLY B 94 32.45 -15.89 6.52
C GLY B 94 31.06 -16.28 6.03
N ILE B 95 30.15 -16.53 6.97
CA ILE B 95 28.77 -16.88 6.63
C ILE B 95 27.90 -15.62 6.66
N PRO B 96 27.38 -15.21 5.50
CA PRO B 96 26.52 -14.02 5.41
C PRO B 96 25.18 -14.22 6.09
N TYR B 97 24.71 -13.18 6.76
CA TYR B 97 23.42 -13.29 7.42
C TYR B 97 22.53 -12.11 7.09
N ILE B 98 21.23 -12.36 7.15
CA ILE B 98 20.24 -11.34 6.87
C ILE B 98 19.30 -11.19 8.06
N TYR B 99 19.11 -9.95 8.51
CA TYR B 99 18.19 -9.67 9.62
C TYR B 99 16.81 -9.43 9.01
N ILE B 100 15.77 -9.95 9.64
CA ILE B 100 14.40 -9.69 9.20
C ILE B 100 13.59 -9.31 10.42
N ASP B 101 12.57 -8.49 10.19
CA ASP B 101 11.69 -7.99 11.24
C ASP B 101 12.33 -6.78 11.93
N SER B 102 13.53 -6.96 12.45
CA SER B 102 14.25 -5.90 13.12
C SER B 102 15.74 -6.07 12.83
N GLN B 103 16.53 -5.06 13.14
CA GLN B 103 17.95 -5.12 12.89
C GLN B 103 18.75 -4.57 14.06
N ILE B 104 20.02 -4.89 14.08
CA ILE B 104 20.92 -4.40 15.11
C ILE B 104 21.91 -3.55 14.32
N LYS B 105 21.68 -2.25 14.34
CA LYS B 105 22.52 -1.28 13.60
C LYS B 105 24.04 -1.31 13.80
N ASP B 106 24.53 -1.70 14.97
CA ASP B 106 25.97 -1.73 15.18
C ASP B 106 26.56 -3.11 14.94
N ALA B 107 25.83 -3.91 14.18
CA ALA B 107 26.28 -5.27 13.82
C ALA B 107 25.65 -5.50 12.45
N PRO B 108 26.00 -4.67 11.46
CA PRO B 108 25.46 -4.77 10.10
C PRO B 108 25.51 -6.15 9.45
N PRO B 109 24.44 -6.52 8.75
CA PRO B 109 24.32 -7.80 8.05
C PRO B 109 24.57 -7.58 6.57
N LEU B 110 24.32 -8.63 5.80
CA LEU B 110 24.47 -8.54 4.34
C LEU B 110 23.28 -7.69 3.92
N ALA B 111 22.14 -7.93 4.56
CA ALA B 111 20.93 -7.19 4.26
C ALA B 111 19.89 -7.30 5.37
N PHE B 112 19.03 -6.29 5.44
CA PHE B 112 17.95 -6.24 6.43
C PHE B 112 16.63 -6.02 5.69
N PHE B 113 15.61 -6.78 6.09
CA PHE B 113 14.28 -6.66 5.49
C PHE B 113 13.31 -6.52 6.66
N GLY B 114 12.66 -5.36 6.76
CA GLY B 114 11.73 -5.12 7.84
C GLY B 114 11.28 -3.67 7.80
N GLN B 115 10.33 -3.32 8.66
CA GLN B 115 9.86 -1.95 8.69
C GLN B 115 10.77 -1.05 9.49
N ASN B 116 10.70 0.25 9.20
CA ASN B 116 11.42 1.23 9.97
C ASN B 116 10.48 1.27 11.17
N SER B 117 10.85 0.56 12.23
CA SER B 117 10.04 0.46 13.43
C SER B 117 9.58 1.80 14.00
N HIS B 118 10.50 2.75 14.14
CA HIS B 118 10.13 4.04 14.69
C HIS B 118 9.14 4.78 13.83
N GLN B 119 9.40 4.81 12.52
CA GLN B 119 8.50 5.47 11.58
C GLN B 119 7.13 4.78 11.62
N SER B 120 7.15 3.45 11.69
CA SER B 120 5.92 2.66 11.75
C SER B 120 5.09 3.11 12.95
N GLY B 121 5.74 3.24 14.11
CA GLY B 121 5.05 3.68 15.31
C GLY B 121 4.52 5.11 15.21
N TYR B 122 5.33 6.00 14.62
CA TYR B 122 4.95 7.40 14.43
C TYR B 122 3.67 7.44 13.59
N PHE B 123 3.70 6.71 12.48
CA PHE B 123 2.57 6.61 11.56
C PHE B 123 1.33 6.12 12.31
N ALA B 124 1.47 5.05 13.08
CA ALA B 124 0.36 4.47 13.85
C ALA B 124 -0.29 5.51 14.76
N ALA B 125 0.53 6.32 15.39
CA ALA B 125 0.04 7.36 16.29
C ALA B 125 -0.81 8.36 15.51
N ARG B 126 -0.29 8.79 14.37
CA ARG B 126 -0.98 9.75 13.51
C ARG B 126 -2.36 9.25 13.14
N MSE B 127 -2.45 7.96 12.79
CA MSE B 127 -3.71 7.36 12.40
C MSE B 127 -4.63 7.21 13.61
O MSE B 127 -5.83 7.45 13.49
CB MSE B 127 -3.50 5.97 11.77
CG MSE B 127 -2.62 5.97 10.52
SE MSE B 127 -3.47 7.15 9.16
CE MSE B 127 -5.19 6.24 8.79
N LEU B 128 -4.07 6.85 14.76
CA LEU B 128 -4.87 6.69 15.97
C LEU B 128 -5.49 8.01 16.42
N MSE B 129 -4.70 9.07 16.36
CA MSE B 129 -5.18 10.38 16.75
C MSE B 129 -6.29 10.85 15.84
O MSE B 129 -7.10 11.69 16.22
CB MSE B 129 -4.02 11.39 16.76
CG MSE B 129 -3.06 11.16 17.90
SE MSE B 129 -4.09 11.14 19.61
CE MSE B 129 -4.66 9.30 19.82
N LEU B 130 -6.30 10.31 14.62
CA LEU B 130 -7.32 10.65 13.63
C LEU B 130 -8.64 10.07 14.11
N LEU B 131 -8.58 8.88 14.70
CA LEU B 131 -9.75 8.21 15.23
C LEU B 131 -10.20 8.76 16.58
N ALA B 132 -9.22 9.06 17.43
CA ALA B 132 -9.49 9.58 18.77
C ALA B 132 -9.12 11.04 18.90
N VAL B 133 -9.38 11.80 17.84
CA VAL B 133 -9.06 13.21 17.82
C VAL B 133 -9.26 13.90 19.16
N ASN B 134 -10.48 13.82 19.71
CA ASN B 134 -10.75 14.46 20.98
C ASN B 134 -11.08 13.47 22.09
N ASP B 135 -10.12 12.61 22.42
CA ASP B 135 -10.23 11.63 23.49
C ASP B 135 -9.21 12.09 24.53
N ARG B 136 -9.47 11.83 25.81
CA ARG B 136 -8.53 12.27 26.83
C ARG B 136 -7.48 11.21 27.16
N GLU B 137 -7.74 9.98 26.73
CA GLU B 137 -6.81 8.89 26.98
C GLU B 137 -6.94 7.86 25.87
N ILE B 138 -5.85 7.14 25.65
CA ILE B 138 -5.82 6.05 24.68
C ILE B 138 -5.10 4.92 25.41
N VAL B 139 -5.24 3.70 24.94
CA VAL B 139 -4.59 2.59 25.60
C VAL B 139 -3.71 1.75 24.68
N ILE B 140 -2.55 1.37 25.19
CA ILE B 140 -1.62 0.54 24.47
C ILE B 140 -1.68 -0.85 25.09
N PHE B 141 -2.01 -1.86 24.29
CA PHE B 141 -2.07 -3.23 24.78
C PHE B 141 -0.76 -3.93 24.41
N ARG B 142 -0.22 -4.71 25.33
CA ARG B 142 1.01 -5.43 25.05
C ARG B 142 0.89 -6.91 25.40
N LYS B 143 1.90 -7.66 25.01
CA LYS B 143 1.99 -9.08 25.29
C LYS B 143 3.37 -9.28 25.90
N ILE B 144 3.42 -9.65 27.18
CA ILE B 144 4.66 -9.87 27.88
C ILE B 144 4.73 -11.26 28.48
N HIS B 145 5.93 -11.70 28.81
CA HIS B 145 6.14 -13.01 29.42
C HIS B 145 7.52 -13.04 30.03
N GLU B 146 7.62 -13.60 31.22
CA GLU B 146 8.90 -13.67 31.91
C GLU B 146 9.52 -12.27 31.93
N GLY B 147 8.70 -11.26 32.12
CA GLY B 147 9.18 -9.90 32.18
C GLY B 147 9.53 -9.20 30.87
N VAL B 148 9.70 -9.95 29.78
CA VAL B 148 10.06 -9.29 28.53
C VAL B 148 8.93 -9.22 27.51
N ILE B 149 9.10 -8.31 26.55
CA ILE B 149 8.13 -8.11 25.49
C ILE B 149 8.41 -9.06 24.32
N GLY B 150 9.62 -9.60 24.26
CA GLY B 150 9.98 -10.55 23.21
C GLY B 150 9.97 -10.10 21.76
N SER B 151 10.28 -8.83 21.51
CA SER B 151 10.29 -8.33 20.13
C SER B 151 10.85 -6.91 20.05
N ASN B 152 12.01 -6.77 19.39
CA ASN B 152 12.64 -5.46 19.25
C ASN B 152 11.71 -4.49 18.52
N GLN B 153 11.02 -4.99 17.49
CA GLN B 153 10.10 -4.19 16.68
C GLN B 153 8.91 -3.69 17.53
N GLN B 154 8.32 -4.58 18.32
CA GLN B 154 7.19 -4.22 19.17
C GLN B 154 7.57 -3.14 20.17
N GLU B 155 8.84 -3.13 20.57
CA GLU B 155 9.32 -2.16 21.53
C GLU B 155 9.66 -0.84 20.86
N SER B 156 10.39 -0.92 19.75
CA SER B 156 10.78 0.27 19.00
C SER B 156 9.57 1.01 18.36
N ARG B 157 8.51 0.29 18.01
CA ARG B 157 7.34 0.93 17.43
C ARG B 157 6.67 1.83 18.48
N GLU B 158 6.55 1.31 19.70
CA GLU B 158 5.95 2.05 20.79
C GLU B 158 6.72 3.35 21.07
N ILE B 159 8.04 3.28 20.94
CA ILE B 159 8.89 4.44 21.18
C ILE B 159 8.57 5.53 20.15
N GLY B 160 8.50 5.13 18.88
CA GLY B 160 8.18 6.09 17.82
C GLY B 160 6.79 6.62 18.08
N PHE B 161 5.89 5.73 18.49
CA PHE B 161 4.51 6.11 18.80
C PHE B 161 4.54 7.20 19.87
N ARG B 162 5.17 6.89 21.01
CA ARG B 162 5.24 7.83 22.11
C ARG B 162 5.88 9.15 21.71
N GLN B 163 6.85 9.12 20.80
CA GLN B 163 7.48 10.37 20.39
C GLN B 163 6.48 11.25 19.65
N TYR B 164 5.63 10.65 18.82
CA TYR B 164 4.62 11.41 18.10
C TYR B 164 3.63 11.99 19.08
N MSE B 165 3.20 11.18 20.04
CA MSE B 165 2.22 11.63 21.03
C MSE B 165 2.72 12.81 21.86
O MSE B 165 1.99 13.78 22.05
CB MSE B 165 1.84 10.49 21.96
CG MSE B 165 1.19 9.33 21.26
SE MSE B 165 -0.51 9.95 20.54
CE MSE B 165 -1.74 9.73 22.07
N GLN B 166 3.95 12.71 22.36
CA GLN B 166 4.54 13.77 23.15
C GLN B 166 4.69 15.03 22.30
N GLU B 167 4.90 14.80 21.01
CA GLU B 167 5.12 15.85 20.03
C GLU B 167 3.89 16.60 19.51
N HIS B 168 2.76 15.90 19.39
CA HIS B 168 1.53 16.51 18.86
C HIS B 168 0.36 16.51 19.82
N HIS B 169 0.32 15.56 20.74
CA HIS B 169 -0.77 15.47 21.71
C HIS B 169 -0.28 15.16 23.12
N PRO B 170 0.60 16.02 23.66
CA PRO B 170 1.15 15.82 25.01
C PRO B 170 0.14 15.74 26.14
N ALA B 171 -1.03 16.35 25.95
CA ALA B 171 -2.07 16.35 26.97
C ALA B 171 -2.86 15.04 27.05
N CYS B 172 -2.81 14.23 26.00
CA CYS B 172 -3.54 12.97 25.97
C CYS B 172 -2.81 11.94 26.84
N ASN B 173 -3.51 11.39 27.83
CA ASN B 173 -2.90 10.42 28.72
C ASN B 173 -2.79 9.04 28.08
N ILE B 174 -1.63 8.43 28.19
CA ILE B 174 -1.39 7.12 27.61
C ILE B 174 -1.44 6.02 28.66
N LEU B 175 -2.40 5.11 28.51
CA LEU B 175 -2.53 3.98 29.44
C LEU B 175 -1.88 2.75 28.81
N GLU B 176 -1.47 1.79 29.64
CA GLU B 176 -0.86 0.56 29.14
C GLU B 176 -1.45 -0.62 29.86
N LEU B 177 -1.67 -1.71 29.13
CA LEU B 177 -2.18 -2.94 29.72
C LEU B 177 -1.33 -4.09 29.18
N ASN B 178 -0.55 -4.72 30.06
CA ASN B 178 0.28 -5.84 29.65
C ASN B 178 -0.41 -7.19 29.84
N LEU B 179 -0.90 -7.76 28.74
CA LEU B 179 -1.55 -9.07 28.79
C LEU B 179 -0.46 -10.13 28.90
N HIS B 180 -0.82 -11.29 29.44
CA HIS B 180 0.15 -12.36 29.60
C HIS B 180 0.15 -13.25 28.35
N ALA B 181 1.35 -13.52 27.85
CA ALA B 181 1.51 -14.35 26.65
C ALA B 181 0.73 -15.64 26.78
N ASP B 182 1.22 -16.57 27.62
CA ASP B 182 0.52 -17.82 27.81
C ASP B 182 -0.20 -17.81 29.14
N LEU B 183 -1.16 -16.89 29.24
CA LEU B 183 -1.98 -16.69 30.44
C LEU B 183 -2.19 -17.96 31.26
N GLU B 186 -5.67 -15.64 31.82
CA GLU B 186 -6.72 -15.44 30.84
C GLU B 186 -6.81 -13.95 30.49
N ASP B 187 -6.62 -13.64 29.21
CA ASP B 187 -6.67 -12.26 28.75
C ASP B 187 -8.00 -11.59 29.11
N SER B 188 -9.06 -12.40 29.17
CA SER B 188 -10.41 -11.90 29.49
C SER B 188 -10.55 -11.18 30.83
N ARG B 189 -10.04 -11.78 31.91
CA ARG B 189 -10.16 -11.14 33.21
C ARG B 189 -9.36 -9.85 33.21
N MSE B 190 -8.19 -9.89 32.58
CA MSE B 190 -7.34 -8.70 32.48
C MSE B 190 -8.14 -7.58 31.85
O MSE B 190 -8.17 -6.46 32.35
CB MSE B 190 -6.14 -9.02 31.61
CG MSE B 190 -5.32 -10.19 32.10
SE MSE B 190 -4.02 -9.64 33.48
CE MSE B 190 -2.52 -9.15 32.28
N LEU B 191 -8.78 -7.90 30.73
CA LEU B 191 -9.58 -6.93 29.99
C LEU B 191 -10.82 -6.49 30.79
N ASP B 192 -11.54 -7.43 31.40
CA ASP B 192 -12.72 -7.07 32.19
C ASP B 192 -12.36 -6.02 33.22
N ASP B 193 -11.29 -6.26 33.99
CA ASP B 193 -10.86 -5.33 35.01
C ASP B 193 -10.38 -4.02 34.42
N PHE B 194 -9.69 -4.09 33.29
CA PHE B 194 -9.19 -2.86 32.66
C PHE B 194 -10.33 -1.92 32.33
N PHE B 195 -11.38 -2.44 31.72
CA PHE B 195 -12.51 -1.60 31.35
C PHE B 195 -13.34 -1.17 32.54
N ARG B 196 -13.30 -1.94 33.60
CA ARG B 196 -14.04 -1.60 34.82
C ARG B 196 -13.35 -0.36 35.39
N GLU B 197 -12.02 -0.43 35.47
CA GLU B 197 -11.19 0.66 35.99
C GLU B 197 -11.20 1.89 35.07
N HIS B 198 -11.24 1.64 33.77
CA HIS B 198 -11.23 2.72 32.77
C HIS B 198 -12.37 2.53 31.76
N PRO B 199 -13.61 2.82 32.19
CA PRO B 199 -14.79 2.67 31.34
C PRO B 199 -15.01 3.70 30.23
N ASP B 200 -14.24 4.78 30.20
CA ASP B 200 -14.45 5.79 29.17
C ASP B 200 -13.39 5.87 28.06
N VAL B 201 -12.38 5.00 28.10
CA VAL B 201 -11.38 5.04 27.05
C VAL B 201 -12.06 4.42 25.83
N LYS B 202 -12.00 5.13 24.70
CA LYS B 202 -12.66 4.67 23.49
C LYS B 202 -11.75 4.06 22.41
N HIS B 203 -10.45 4.36 22.47
CA HIS B 203 -9.53 3.83 21.46
C HIS B 203 -8.25 3.25 22.02
N GLY B 204 -7.78 2.19 21.38
CA GLY B 204 -6.55 1.54 21.80
C GLY B 204 -5.73 1.04 20.62
N ILE B 205 -4.53 0.57 20.91
CA ILE B 205 -3.65 0.09 19.87
C ILE B 205 -2.70 -0.94 20.46
N THR B 206 -2.19 -1.82 19.61
CA THR B 206 -1.21 -2.80 20.04
C THR B 206 -0.15 -2.82 18.96
N PHE B 207 1.06 -3.21 19.34
CA PHE B 207 2.16 -3.27 18.40
C PHE B 207 2.54 -4.71 18.14
N ASN B 208 1.83 -5.65 18.75
CA ASN B 208 2.12 -7.05 18.47
C ASN B 208 1.14 -7.47 17.38
N SER B 209 1.20 -8.72 16.94
CA SER B 209 0.32 -9.15 15.85
C SER B 209 -0.99 -9.78 16.26
N LYS B 210 -1.37 -9.67 17.54
CA LYS B 210 -2.60 -10.29 18.01
C LYS B 210 -3.71 -9.37 18.51
N VAL B 211 -3.99 -8.31 17.77
CA VAL B 211 -5.04 -7.36 18.15
C VAL B 211 -6.40 -8.07 18.22
N TYR B 212 -6.54 -9.18 17.50
CA TYR B 212 -7.79 -9.94 17.49
C TYR B 212 -8.23 -10.31 18.89
N ILE B 213 -7.25 -10.53 19.78
CA ILE B 213 -7.54 -10.89 21.16
C ILE B 213 -8.48 -9.86 21.76
N ILE B 214 -8.11 -8.59 21.60
CA ILE B 214 -8.92 -7.50 22.12
C ILE B 214 -10.19 -7.35 21.29
N GLY B 215 -10.07 -7.59 19.98
CA GLY B 215 -11.20 -7.46 19.08
C GLY B 215 -12.31 -8.45 19.37
N GLU B 216 -11.94 -9.72 19.51
CA GLU B 216 -12.92 -10.76 19.77
C GLU B 216 -13.57 -10.53 21.14
N TYR B 217 -12.77 -10.03 22.10
CA TYR B 217 -13.26 -9.75 23.44
C TYR B 217 -14.41 -8.73 23.38
N LEU B 218 -14.25 -7.72 22.54
CA LEU B 218 -15.26 -6.68 22.38
C LEU B 218 -16.47 -7.24 21.64
N GLN B 219 -16.21 -8.02 20.60
CA GLN B 219 -17.26 -8.63 19.80
C GLN B 219 -18.18 -9.49 20.65
N GLN B 220 -17.59 -10.28 21.55
CA GLN B 220 -18.38 -11.15 22.41
C GLN B 220 -19.18 -10.40 23.47
N ARG B 221 -18.57 -9.38 24.08
CA ARG B 221 -19.25 -8.61 25.11
C ARG B 221 -20.16 -7.55 24.50
N ARG B 222 -20.45 -7.69 23.22
CA ARG B 222 -21.32 -6.76 22.50
C ARG B 222 -20.90 -5.31 22.67
N LYS B 223 -19.63 -5.08 23.01
CA LYS B 223 -19.10 -3.74 23.19
C LYS B 223 -18.69 -3.16 21.83
N SER B 224 -19.48 -2.22 21.32
CA SER B 224 -19.18 -1.63 20.03
C SER B 224 -18.70 -0.19 20.16
N ASP B 225 -18.44 0.22 21.40
CA ASP B 225 -18.00 1.58 21.67
C ASP B 225 -16.50 1.63 21.99
N PHE B 226 -15.71 0.94 21.17
CA PHE B 226 -14.26 0.90 21.34
C PHE B 226 -13.64 0.27 20.09
N SER B 227 -12.70 0.97 19.47
CA SER B 227 -12.04 0.45 18.26
C SER B 227 -10.52 0.39 18.40
N LEU B 228 -9.92 -0.63 17.78
CA LEU B 228 -8.47 -0.84 17.85
C LEU B 228 -7.73 -0.60 16.55
N ILE B 229 -6.45 -0.34 16.68
CA ILE B 229 -5.57 -0.23 15.53
C ILE B 229 -4.63 -1.38 15.84
N GLY B 230 -4.32 -2.20 14.85
CA GLY B 230 -3.44 -3.32 15.09
C GLY B 230 -2.49 -3.57 13.95
N TYR B 231 -1.71 -4.64 14.05
CA TYR B 231 -0.72 -4.99 13.05
C TYR B 231 -0.90 -6.38 12.46
N ASP B 232 -0.57 -6.48 11.17
CA ASP B 232 -0.59 -7.72 10.43
C ASP B 232 -1.93 -8.32 10.07
N LEU B 233 -1.92 -9.03 8.94
CA LEU B 233 -3.12 -9.63 8.40
C LEU B 233 -3.44 -11.06 8.83
N LEU B 234 -3.35 -11.32 10.13
CA LEU B 234 -3.70 -12.65 10.63
C LEU B 234 -5.19 -12.77 10.34
N GLU B 235 -5.61 -13.96 9.95
CA GLU B 235 -7.01 -14.23 9.63
C GLU B 235 -7.93 -13.58 10.65
N ARG B 236 -7.73 -13.92 11.92
CA ARG B 236 -8.57 -13.36 12.97
C ARG B 236 -8.53 -11.84 13.05
N ASN B 237 -7.37 -11.25 12.75
CA ASN B 237 -7.25 -9.78 12.77
C ASN B 237 -8.17 -9.20 11.70
N VAL B 238 -8.08 -9.74 10.49
CA VAL B 238 -8.89 -9.27 9.37
C VAL B 238 -10.38 -9.43 9.62
N THR B 239 -10.77 -10.51 10.29
CA THR B 239 -12.17 -10.72 10.63
C THR B 239 -12.62 -9.58 11.54
N CYS B 240 -11.79 -9.19 12.50
CA CYS B 240 -12.14 -8.10 13.41
C CYS B 240 -12.19 -6.78 12.65
N LEU B 241 -11.38 -6.67 11.61
CA LEU B 241 -11.37 -5.48 10.78
C LEU B 241 -12.69 -5.38 10.01
N LYS B 242 -13.13 -6.50 9.43
CA LYS B 242 -14.38 -6.52 8.69
C LYS B 242 -15.59 -6.40 9.62
N GLU B 243 -15.47 -6.89 10.85
CA GLU B 243 -16.59 -6.80 11.79
C GLU B 243 -16.68 -5.44 12.44
N GLY B 244 -15.62 -4.64 12.34
CA GLY B 244 -15.67 -3.32 12.94
C GLY B 244 -14.98 -3.12 14.28
N THR B 245 -14.53 -4.20 14.91
CA THR B 245 -13.86 -4.08 16.20
C THR B 245 -12.46 -3.47 16.05
N VAL B 246 -11.87 -3.65 14.87
CA VAL B 246 -10.56 -3.09 14.57
C VAL B 246 -10.78 -2.09 13.43
N SER B 247 -10.33 -0.86 13.63
CA SER B 247 -10.48 0.19 12.63
C SER B 247 -9.46 0.17 11.49
N PHE B 248 -8.19 -0.08 11.84
CA PHE B 248 -7.11 -0.15 10.87
C PHE B 248 -6.12 -1.26 11.21
N LEU B 249 -5.48 -1.81 10.19
CA LEU B 249 -4.45 -2.83 10.40
C LEU B 249 -3.26 -2.31 9.62
N ILE B 250 -2.07 -2.45 10.18
CA ILE B 250 -0.84 -2.03 9.53
C ILE B 250 -0.09 -3.29 9.12
N ALA B 251 0.17 -3.43 7.84
CA ALA B 251 0.84 -4.63 7.32
C ALA B 251 2.27 -4.33 6.88
N GLN B 252 3.10 -5.38 6.89
CA GLN B 252 4.50 -5.24 6.51
C GLN B 252 4.98 -6.25 5.44
N GLN B 253 4.05 -6.88 4.76
CA GLN B 253 4.37 -7.84 3.71
C GLN B 253 5.36 -8.91 4.16
N PRO B 254 4.94 -9.74 5.14
CA PRO B 254 5.78 -10.81 5.68
C PRO B 254 6.27 -11.81 4.61
N GLU B 255 5.39 -12.17 3.68
CA GLU B 255 5.78 -13.10 2.62
C GLU B 255 6.97 -12.59 1.84
N LEU B 256 6.95 -11.31 1.49
CA LEU B 256 8.03 -10.69 0.71
C LEU B 256 9.33 -10.65 1.50
N GLN B 257 9.21 -10.42 2.81
CA GLN B 257 10.40 -10.41 3.66
C GLN B 257 11.07 -11.78 3.63
N GLY B 258 10.26 -12.82 3.73
CA GLY B 258 10.81 -14.16 3.71
C GLY B 258 11.40 -14.51 2.35
N PHE B 259 10.68 -14.17 1.29
CA PHE B 259 11.15 -14.45 -0.07
C PHE B 259 12.43 -13.67 -0.39
N ASN B 260 12.39 -12.36 -0.17
CA ASN B 260 13.56 -11.53 -0.44
C ASN B 260 14.81 -11.91 0.35
N SER B 261 14.63 -12.47 1.54
CA SER B 261 15.78 -12.87 2.34
C SER B 261 16.51 -13.99 1.61
N ILE B 262 15.76 -14.99 1.14
CA ILE B 262 16.34 -16.10 0.42
C ILE B 262 16.88 -15.65 -0.94
N LYS B 263 16.13 -14.78 -1.62
CA LYS B 263 16.58 -14.28 -2.91
C LYS B 263 17.90 -13.52 -2.76
N THR B 264 18.02 -12.74 -1.69
CA THR B 264 19.23 -11.96 -1.46
C THR B 264 20.43 -12.88 -1.21
N LEU B 265 20.22 -13.95 -0.44
CA LEU B 265 21.24 -14.92 -0.17
C LEU B 265 21.67 -15.51 -1.53
N CYS B 266 20.70 -15.83 -2.38
CA CYS B 266 20.98 -16.40 -3.70
C CYS B 266 21.74 -15.42 -4.56
N ASP B 267 21.28 -14.18 -4.55
CA ASP B 267 21.94 -13.14 -5.34
C ASP B 267 23.39 -12.99 -4.97
N HIS B 268 23.63 -13.02 -3.67
CA HIS B 268 24.96 -12.82 -3.13
C HIS B 268 25.89 -14.03 -3.27
N LEU B 269 25.39 -15.20 -2.91
CA LEU B 269 26.20 -16.43 -3.00
C LEU B 269 26.28 -17.09 -4.37
N ILE B 270 25.13 -17.22 -5.04
CA ILE B 270 25.06 -17.89 -6.33
C ILE B 270 25.40 -17.00 -7.54
N PHE B 271 24.67 -15.91 -7.68
CA PHE B 271 24.87 -14.99 -8.80
C PHE B 271 26.04 -14.04 -8.57
N ARG B 272 26.51 -14.01 -7.32
CA ARG B 272 27.64 -13.14 -6.95
C ARG B 272 27.37 -11.68 -7.30
N LYS B 273 26.12 -11.26 -7.14
CA LYS B 273 25.70 -9.89 -7.41
C LYS B 273 25.82 -9.05 -6.15
N GLU B 274 25.94 -7.74 -6.33
CA GLU B 274 26.02 -6.83 -5.20
C GLU B 274 24.56 -6.69 -4.76
N VAL B 275 24.31 -6.39 -3.49
CA VAL B 275 22.93 -6.24 -3.02
C VAL B 275 22.78 -5.04 -2.10
N ALA B 276 21.58 -4.47 -2.07
CA ALA B 276 21.32 -3.31 -1.21
C ALA B 276 21.20 -3.84 0.22
N CYS B 277 21.87 -3.18 1.16
CA CYS B 277 21.82 -3.65 2.55
C CYS B 277 20.50 -3.36 3.24
N THR B 278 20.14 -2.07 3.33
CA THR B 278 18.90 -1.68 3.98
C THR B 278 17.71 -1.74 3.03
N ASN B 279 16.70 -2.53 3.42
CA ASN B 279 15.48 -2.69 2.62
C ASN B 279 14.28 -2.48 3.54
N TYR B 280 13.95 -1.22 3.80
CA TYR B 280 12.82 -0.92 4.65
C TYR B 280 11.56 -1.35 3.93
N MSE B 281 10.70 -2.06 4.64
CA MSE B 281 9.46 -2.54 4.06
C MSE B 281 8.42 -1.45 4.23
O MSE B 281 8.53 -0.59 5.11
CB MSE B 281 9.00 -3.81 4.76
CG MSE B 281 10.03 -4.94 4.76
SE MSE B 281 10.30 -5.52 2.91
CE MSE B 281 8.61 -6.34 2.50
N PRO B 282 7.38 -1.46 3.40
CA PRO B 282 6.35 -0.43 3.53
C PRO B 282 5.52 -0.53 4.81
N ILE B 283 4.79 0.55 5.11
CA ILE B 283 3.92 0.64 6.26
C ILE B 283 2.53 0.76 5.61
N ASP B 284 1.95 -0.39 5.26
CA ASP B 284 0.66 -0.42 4.59
C ASP B 284 -0.54 -0.33 5.51
N LEU B 285 -1.44 0.60 5.18
CA LEU B 285 -2.64 0.81 5.96
C LEU B 285 -3.82 0.15 5.30
N LEU B 286 -4.47 -0.73 6.05
CA LEU B 286 -5.64 -1.44 5.54
C LEU B 286 -6.89 -1.10 6.32
N THR B 287 -8.02 -1.00 5.61
CA THR B 287 -9.30 -0.74 6.23
C THR B 287 -10.22 -1.79 5.64
N LYS B 288 -11.45 -1.81 6.12
CA LYS B 288 -12.45 -2.72 5.62
C LYS B 288 -12.70 -2.40 4.14
N GLU B 289 -12.60 -1.11 3.77
CA GLU B 289 -12.83 -0.70 2.38
C GLU B 289 -11.73 -0.86 1.34
N ASN B 290 -10.55 -1.34 1.71
CA ASN B 290 -9.51 -1.53 0.70
C ASN B 290 -8.75 -2.83 0.84
N ILE B 291 -9.00 -3.55 1.92
CA ILE B 291 -8.33 -4.82 2.19
C ILE B 291 -8.50 -5.85 1.07
N ASP B 292 -9.71 -5.96 0.52
CA ASP B 292 -9.96 -6.94 -0.54
C ASP B 292 -9.10 -6.79 -1.79
N TYR B 293 -8.58 -5.59 -2.04
CA TYR B 293 -7.76 -5.34 -3.24
C TYR B 293 -6.28 -5.25 -2.91
N TYR B 294 -5.95 -5.52 -1.65
CA TYR B 294 -4.58 -5.46 -1.20
C TYR B 294 -3.87 -6.79 -1.39
N HIS B 295 -2.88 -6.82 -2.27
CA HIS B 295 -2.12 -8.02 -2.50
C HIS B 295 -0.75 -7.58 -3.00
C1 EDO C . -10.27 8.21 -26.17
O1 EDO C . -11.23 7.75 -25.22
C2 EDO C . -10.64 9.60 -26.67
O2 EDO C . -10.70 10.51 -25.55
C1 EDO D . -6.46 7.91 -11.49
O1 EDO D . -6.55 9.28 -11.08
C2 EDO D . -6.53 7.80 -13.02
O2 EDO D . -5.32 8.28 -13.60
C1 EDO E . 3.89 -23.35 9.95
O1 EDO E . 3.94 -22.00 10.42
C2 EDO E . 3.09 -23.42 8.65
O2 EDO E . 3.80 -22.75 7.60
C1 EDO F . -0.71 1.26 1.46
O1 EDO F . -0.48 1.99 2.68
C2 EDO F . -1.95 0.32 1.59
O2 EDO F . -3.16 1.08 1.55
C1 EDO G . 2.60 -11.94 19.29
O1 EDO G . 3.29 -11.15 18.31
C2 EDO G . 3.46 -12.07 20.57
O2 EDO G . 3.52 -10.82 21.27
C1 EDO H . 5.95 -8.36 13.85
O1 EDO H . 6.88 -7.33 13.57
C2 EDO H . 4.67 -7.77 14.43
O2 EDO H . 4.05 -6.95 13.47
NA NA I . 5.20 -9.51 23.03
#